data_4ZCG
#
_entry.id   4ZCG
#
_cell.length_a   105.242
_cell.length_b   125.230
_cell.length_c   104.061
_cell.angle_alpha   90.000
_cell.angle_beta   90.000
_cell.angle_gamma   90.000
#
_symmetry.space_group_name_H-M   'C 2 2 21'
#
loop_
_entity.id
_entity.type
_entity.pdbx_description
1 polymer 'Gamma-glutamyltranspeptidase 1 heavy chain'
2 polymer 'Gamma-glutamyltranspeptidase 1 light chain'
3 non-polymer 2-acetamido-2-deoxy-beta-D-glucopyranose
4 non-polymer 'CHLORIDE ION'
5 non-polymer 'SODIUM ION'
6 non-polymer 'GLUTAMIC ACID'
7 water water
#
loop_
_entity_poly.entity_id
_entity_poly.type
_entity_poly.pdbx_seq_one_letter_code
_entity_poly.pdbx_strand_id
1 'polypeptide(L)'
;SASKEPDNHVYTRAAVAADAKQCSKIGRDALRDGGSAVDAAIAALLCVGLMNAHSMGIGGGLFLTIYNSTTRKAEVINAR
EVAPRLAFATMFNSSEQSQKGGLSVAVPGEIRGYELAHQRHGRLPWARLFQPSIQLARQGFPVGKGLAAALENKRTVIEQ
QPVLCEVFCRDRKVLREGERLTLPQLADTYETLAIEGAQAFYNGSLTAQIVKDIQAAGGIVTAEDLNNYRAELIEHPLNI
SLGDAVLYMPSAPLSGPVLALILNILKGYNFSRESVESPEQKGLTYHRIVEAFRFAYAKRTLLGDPKFVDVTEVVRNMTS
EFFAAQLRAQISDDTTHPISYYKPEFYTPDDGG
;
A
2 'polypeptide(L)'
;TAHLSVVAEDGSAVSATSTINLYFGSKVRSPVSGILFNNEMDDFSSPSITNEFGVPPSPANFIQPGKQPLSSMCPTIMVG
QDGQVRMVVGAAGGTQITTATALAIIYNLWFGYDVKRAVEEPRLHNQLLPNVTTVERNIDQAVTAALETRHHHTQIASTF
IAVVQAIVRTAGGWAAASDSRKGGEPAGY
;
B
#
loop_
_chem_comp.id
_chem_comp.type
_chem_comp.name
_chem_comp.formula
CL non-polymer 'CHLORIDE ION' 'Cl -1'
NA non-polymer 'SODIUM ION' 'Na 1'
NAG D-saccharide, beta linking 2-acetamido-2-deoxy-beta-D-glucopyranose 'C8 H15 N O6'
#
# COMPACT_ATOMS: atom_id res chain seq x y z
N ASP A 7 -15.79 -11.48 16.20
CA ASP A 7 -15.40 -12.58 17.12
C ASP A 7 -14.75 -13.74 16.34
N ASN A 8 -15.44 -14.17 15.28
CA ASN A 8 -14.93 -15.14 14.32
C ASN A 8 -14.47 -14.47 12.99
N HIS A 9 -15.10 -13.34 12.68
CA HIS A 9 -14.75 -12.54 11.51
C HIS A 9 -15.18 -13.18 10.18
N VAL A 10 -16.17 -14.08 10.24
CA VAL A 10 -16.95 -14.45 9.06
C VAL A 10 -18.29 -13.73 9.19
N TYR A 11 -18.67 -13.00 8.16
CA TYR A 11 -19.84 -12.15 8.24
C TYR A 11 -20.77 -12.46 7.10
N THR A 12 -22.07 -12.49 7.38
CA THR A 12 -23.07 -12.92 6.41
C THR A 12 -23.28 -11.89 5.34
N ARG A 13 -23.14 -10.62 5.71
CA ARG A 13 -23.58 -9.55 4.82
C ARG A 13 -22.46 -8.62 4.35
N ALA A 14 -21.52 -8.25 5.22
CA ALA A 14 -20.53 -7.23 4.86
C ALA A 14 -19.36 -7.22 5.78
N ALA A 15 -18.23 -6.72 5.28
CA ALA A 15 -17.00 -6.76 6.07
C ALA A 15 -15.99 -5.64 5.74
N VAL A 16 -15.26 -5.24 6.78
CA VAL A 16 -14.21 -4.24 6.69
C VAL A 16 -13.01 -4.83 7.40
N ALA A 17 -11.90 -4.91 6.66
CA ALA A 17 -10.61 -5.31 7.19
C ALA A 17 -9.60 -4.15 7.07
N ALA A 18 -9.42 -3.46 8.19
CA ALA A 18 -8.42 -2.44 8.39
C ALA A 18 -7.38 -2.90 9.41
N ASP A 19 -6.34 -2.10 9.55
CA ASP A 19 -5.21 -2.41 10.40
C ASP A 19 -5.33 -1.82 11.82
N ALA A 20 -6.51 -1.29 12.14
CA ALA A 20 -6.88 -0.94 13.52
C ALA A 20 -8.35 -1.30 13.74
N LYS A 21 -8.62 -1.95 14.87
CA LYS A 21 -9.98 -2.44 15.17
C LYS A 21 -11.04 -1.36 15.07
N GLN A 22 -10.78 -0.20 15.68
CA GLN A 22 -11.76 0.87 15.76
C GLN A 22 -12.06 1.41 14.37
N CYS A 23 -11.06 1.42 13.49
CA CYS A 23 -11.28 1.90 12.13
C CYS A 23 -12.08 0.91 11.32
N SER A 24 -11.82 -0.39 11.47
CA SER A 24 -12.70 -1.36 10.81
C SER A 24 -14.15 -1.16 11.26
N LYS A 25 -14.34 -0.97 12.57
CA LYS A 25 -15.67 -0.71 13.14
C LYS A 25 -16.35 0.52 12.58
N ILE A 26 -15.57 1.57 12.41
CA ILE A 26 -16.10 2.82 11.84
C ILE A 26 -16.55 2.59 10.40
N GLY A 27 -15.76 1.83 9.65
CA GLY A 27 -16.14 1.45 8.30
C GLY A 27 -17.43 0.64 8.32
N ARG A 28 -17.48 -0.33 9.21
CA ARG A 28 -18.64 -1.18 9.35
C ARG A 28 -19.90 -0.37 9.71
N ASP A 29 -19.82 0.55 10.66
CA ASP A 29 -20.99 1.39 10.98
C ASP A 29 -21.49 2.22 9.80
N ALA A 30 -20.57 2.66 8.96
CA ALA A 30 -20.96 3.42 7.78
C ALA A 30 -21.79 2.53 6.87
N LEU A 31 -21.34 1.29 6.68
CA LEU A 31 -22.09 0.34 5.89
C LEU A 31 -23.48 0.13 6.50
N ARG A 32 -23.53 -0.10 7.81
CA ARG A 32 -24.79 -0.28 8.53
CA ARG A 32 -24.79 -0.28 8.53
C ARG A 32 -25.75 0.88 8.34
N ASP A 33 -25.22 2.10 8.34
CA ASP A 33 -26.04 3.31 8.16
C ASP A 33 -26.38 3.59 6.70
N GLY A 34 -26.08 2.66 5.79
CA GLY A 34 -26.47 2.82 4.37
C GLY A 34 -25.37 3.27 3.39
N GLY A 35 -24.14 3.44 3.86
CA GLY A 35 -23.05 3.81 2.97
C GLY A 35 -22.66 2.73 1.96
N SER A 36 -22.13 3.17 0.83
CA SER A 36 -21.48 2.26 -0.11
C SER A 36 -20.14 1.77 0.46
N ALA A 37 -19.55 0.84 -0.26
CA ALA A 37 -18.23 0.35 0.09
C ALA A 37 -17.21 1.52 0.08
N VAL A 38 -17.41 2.48 -0.82
CA VAL A 38 -16.54 3.64 -0.88
C VAL A 38 -16.69 4.52 0.37
N ASP A 39 -17.92 4.83 0.78
CA ASP A 39 -18.17 5.58 2.02
C ASP A 39 -17.45 4.93 3.19
N ALA A 40 -17.59 3.62 3.32
CA ALA A 40 -16.96 2.88 4.39
C ALA A 40 -15.44 2.97 4.32
N ALA A 41 -14.91 2.91 3.10
CA ALA A 41 -13.46 2.93 2.91
C ALA A 41 -12.92 4.30 3.30
N ILE A 42 -13.62 5.34 2.90
CA ILE A 42 -13.17 6.69 3.24
C ILE A 42 -13.22 6.91 4.75
N ALA A 43 -14.31 6.50 5.39
CA ALA A 43 -14.48 6.74 6.82
C ALA A 43 -13.39 6.02 7.60
N ALA A 44 -13.13 4.78 7.19
CA ALA A 44 -12.08 3.97 7.81
C ALA A 44 -10.68 4.53 7.56
N LEU A 45 -10.41 4.96 6.33
CA LEU A 45 -9.13 5.58 6.00
C LEU A 45 -8.87 6.84 6.82
N LEU A 46 -9.90 7.63 7.02
CA LEU A 46 -9.73 8.85 7.82
C LEU A 46 -9.31 8.50 9.24
N CYS A 47 -9.82 7.39 9.74
CA CYS A 47 -9.51 6.95 11.07
C CYS A 47 -8.11 6.35 11.16
N VAL A 48 -7.69 5.66 10.10
CA VAL A 48 -6.36 5.06 10.09
C VAL A 48 -5.30 6.15 10.07
N GLY A 49 -5.62 7.23 9.43
CA GLY A 49 -4.74 8.35 9.40
C GLY A 49 -4.47 8.90 10.78
N LEU A 50 -5.36 8.61 11.73
CA LEU A 50 -5.18 9.05 13.11
C LEU A 50 -4.45 7.99 13.94
N MET A 51 -5.00 6.78 13.95
CA MET A 51 -4.49 5.69 14.77
C MET A 51 -3.17 5.18 14.28
N ASN A 52 -2.95 5.21 12.96
CA ASN A 52 -1.65 4.84 12.42
C ASN A 52 -1.07 5.97 11.62
N ALA A 53 -0.93 7.12 12.27
CA ALA A 53 -0.55 8.34 11.59
C ALA A 53 0.85 8.25 10.98
N HIS A 54 1.66 7.33 11.47
CA HIS A 54 2.95 7.07 10.86
C HIS A 54 2.89 6.48 9.43
N SER A 55 1.77 5.85 9.07
CA SER A 55 1.59 5.03 7.86
C SER A 55 0.96 5.75 6.68
N MET A 56 0.01 6.61 6.95
CA MET A 56 -0.83 7.18 5.90
C MET A 56 -1.59 8.33 6.46
N GLY A 57 -2.17 9.14 5.56
CA GLY A 57 -3.09 10.19 5.96
C GLY A 57 -3.32 11.28 4.92
N ILE A 58 -3.92 12.40 5.35
CA ILE A 58 -4.31 13.46 4.42
C ILE A 58 -3.09 14.25 3.91
N GLY A 59 -1.91 13.94 4.44
CA GLY A 59 -0.70 14.53 3.93
C GLY A 59 -0.03 13.66 2.88
N GLY A 60 -0.68 12.56 2.51
CA GLY A 60 -0.13 11.61 1.53
C GLY A 60 -0.97 11.38 0.26
N GLY A 61 -0.99 10.14 -0.22
CA GLY A 61 -1.70 9.82 -1.45
C GLY A 61 -2.17 8.39 -1.43
N LEU A 62 -3.10 8.02 -2.30
CA LEU A 62 -3.57 6.65 -2.36
C LEU A 62 -4.08 6.21 -3.73
N PHE A 63 -4.25 4.89 -3.85
CA PHE A 63 -4.97 4.27 -4.94
C PHE A 63 -6.16 3.46 -4.38
N LEU A 64 -7.29 3.53 -5.06
CA LEU A 64 -8.44 2.69 -4.76
C LEU A 64 -8.74 1.85 -5.99
N THR A 65 -8.86 0.54 -5.80
CA THR A 65 -9.41 -0.37 -6.79
C THR A 65 -10.86 -0.61 -6.33
N ILE A 66 -11.82 -0.30 -7.20
CA ILE A 66 -13.25 -0.36 -6.87
C ILE A 66 -14.00 -1.29 -7.83
N TYR A 67 -14.76 -2.24 -7.28
CA TYR A 67 -15.59 -3.13 -8.10
C TYR A 67 -17.07 -2.91 -7.82
N ASN A 68 -17.81 -2.67 -8.90
CA ASN A 68 -19.25 -2.46 -8.82
C ASN A 68 -19.98 -3.75 -9.19
N SER A 69 -20.68 -4.33 -8.21
CA SER A 69 -21.39 -5.62 -8.35
CA SER A 69 -21.32 -5.63 -8.42
C SER A 69 -22.52 -5.61 -9.39
N THR A 70 -23.10 -4.44 -9.59
CA THR A 70 -24.23 -4.26 -10.52
C THR A 70 -23.76 -4.23 -11.99
N THR A 71 -22.90 -3.27 -12.33
CA THR A 71 -22.36 -3.16 -13.67
C THR A 71 -21.27 -4.19 -14.00
N ARG A 72 -20.79 -4.90 -12.98
CA ARG A 72 -19.70 -5.88 -13.09
C ARG A 72 -18.42 -5.30 -13.65
N LYS A 73 -18.17 -4.04 -13.33
CA LYS A 73 -16.99 -3.35 -13.81
C LYS A 73 -16.15 -2.92 -12.64
N ALA A 74 -14.85 -2.92 -12.89
CA ALA A 74 -13.88 -2.46 -11.94
C ALA A 74 -13.30 -1.18 -12.42
N GLU A 75 -12.97 -0.31 -11.48
CA GLU A 75 -12.21 0.87 -11.83
C GLU A 75 -11.11 1.08 -10.81
N VAL A 76 -10.18 1.95 -11.18
CA VAL A 76 -9.10 2.40 -10.30
C VAL A 76 -9.15 3.92 -10.16
N ILE A 77 -8.96 4.40 -8.94
CA ILE A 77 -8.72 5.84 -8.72
C ILE A 77 -7.29 6.06 -8.29
N ASN A 78 -6.59 6.85 -9.10
CA ASN A 78 -5.22 7.27 -8.87
C ASN A 78 -5.21 8.61 -8.18
N ALA A 79 -4.87 8.58 -6.90
CA ALA A 79 -4.70 9.80 -6.13
C ALA A 79 -3.34 9.81 -5.42
N ARG A 80 -2.34 9.35 -6.13
CA ARG A 80 -0.98 9.34 -5.61
C ARG A 80 -0.35 10.72 -5.81
N GLU A 81 0.58 11.05 -4.91
CA GLU A 81 1.25 12.35 -4.96
C GLU A 81 2.02 12.54 -6.26
N VAL A 82 2.20 13.80 -6.67
CA VAL A 82 3.00 14.17 -7.85
C VAL A 82 4.12 15.09 -7.43
N ALA A 83 5.18 15.06 -8.19
CA ALA A 83 6.28 15.98 -7.97
C ALA A 83 5.79 17.41 -8.23
N PRO A 84 6.18 18.33 -7.38
CA PRO A 84 5.77 19.71 -7.58
C PRO A 84 6.33 20.30 -8.90
N ARG A 85 5.75 21.39 -9.37
CA ARG A 85 6.09 21.96 -10.67
C ARG A 85 7.54 22.49 -10.74
N LEU A 86 8.12 22.80 -9.58
CA LEU A 86 9.47 23.31 -9.50
C LEU A 86 10.49 22.22 -9.28
N ALA A 87 10.03 20.97 -9.20
CA ALA A 87 10.93 19.83 -9.05
C ALA A 87 11.75 19.55 -10.30
N PHE A 88 12.94 18.95 -10.11
CA PHE A 88 13.79 18.51 -11.24
C PHE A 88 14.67 17.29 -10.91
N ALA A 89 15.17 16.67 -11.97
CA ALA A 89 15.84 15.38 -11.87
C ALA A 89 16.98 15.32 -10.86
N THR A 90 17.74 16.41 -10.73
CA THR A 90 18.95 16.42 -9.90
C THR A 90 18.80 17.23 -8.61
N MET A 91 17.58 17.36 -8.14
CA MET A 91 17.29 18.18 -6.95
C MET A 91 17.82 17.61 -5.66
N PHE A 92 18.12 16.32 -5.62
CA PHE A 92 18.64 15.65 -4.40
C PHE A 92 20.05 15.09 -4.66
N ASN A 93 20.94 15.19 -3.67
CA ASN A 93 22.28 14.59 -3.76
C ASN A 93 22.63 13.64 -2.63
N SER A 94 21.70 13.39 -1.74
CA SER A 94 21.85 12.34 -0.74
C SER A 94 20.46 11.82 -0.37
N SER A 95 20.40 10.58 0.12
CA SER A 95 19.17 10.00 0.64
C SER A 95 18.54 10.82 1.76
N GLU A 96 19.36 11.45 2.59
CA GLU A 96 18.83 12.29 3.68
CA GLU A 96 18.86 12.31 3.67
C GLU A 96 18.04 13.48 3.11
N GLN A 97 18.52 14.06 2.01
CA GLN A 97 17.80 15.18 1.37
C GLN A 97 16.42 14.76 0.85
N SER A 98 16.30 13.53 0.32
CA SER A 98 15.07 13.05 -0.32
C SER A 98 14.10 12.41 0.67
N GLN A 99 14.53 12.25 1.91
CA GLN A 99 13.77 11.55 2.94
C GLN A 99 13.31 12.41 4.11
N LYS A 100 13.89 13.58 4.27
CA LYS A 100 13.61 14.43 5.43
C LYS A 100 13.45 15.87 5.00
N GLY A 101 12.48 16.55 5.58
CA GLY A 101 12.29 17.99 5.35
C GLY A 101 11.33 18.26 4.19
N GLY A 102 11.09 19.53 3.90
CA GLY A 102 10.01 19.90 2.99
C GLY A 102 10.28 19.53 1.55
N LEU A 103 11.55 19.46 1.20
CA LEU A 103 11.93 19.16 -0.15
C LEU A 103 11.59 17.71 -0.51
N SER A 104 11.43 16.85 0.51
CA SER A 104 11.03 15.45 0.31
C SER A 104 9.52 15.28 0.05
N VAL A 105 8.79 16.36 0.24
CA VAL A 105 7.32 16.35 0.15
C VAL A 105 6.82 16.46 -1.29
N ALA A 106 5.96 15.54 -1.71
CA ALA A 106 5.28 15.63 -2.99
C ALA A 106 3.87 16.12 -2.72
N VAL A 107 3.20 16.58 -3.77
CA VAL A 107 1.86 17.19 -3.63
C VAL A 107 0.84 16.13 -3.18
N PRO A 108 0.22 16.31 -2.00
CA PRO A 108 -0.70 15.26 -1.51
C PRO A 108 -1.95 15.12 -2.33
N GLY A 109 -2.38 13.88 -2.57
CA GLY A 109 -3.55 13.63 -3.37
C GLY A 109 -4.68 13.04 -2.57
N GLU A 110 -4.43 12.74 -1.30
CA GLU A 110 -5.37 11.91 -0.55
C GLU A 110 -6.81 12.42 -0.65
N ILE A 111 -6.99 13.69 -0.34
CA ILE A 111 -8.32 14.27 -0.24
C ILE A 111 -9.03 14.38 -1.59
N ARG A 112 -8.31 14.72 -2.65
CA ARG A 112 -8.93 14.69 -3.99
C ARG A 112 -9.36 13.28 -4.39
N GLY A 113 -8.57 12.28 -3.99
CA GLY A 113 -8.94 10.90 -4.20
C GLY A 113 -10.21 10.53 -3.45
N TYR A 114 -10.33 10.90 -2.17
CA TYR A 114 -11.56 10.61 -1.42
C TYR A 114 -12.77 11.31 -2.10
N GLU A 115 -12.56 12.56 -2.53
CA GLU A 115 -13.64 13.32 -3.18
C GLU A 115 -14.10 12.67 -4.48
N LEU A 116 -13.18 12.30 -5.34
CA LEU A 116 -13.57 11.67 -6.61
C LEU A 116 -14.31 10.37 -6.35
N ALA A 117 -13.79 9.54 -5.45
CA ALA A 117 -14.43 8.27 -5.18
C ALA A 117 -15.83 8.51 -4.65
N HIS A 118 -15.95 9.50 -3.79
CA HIS A 118 -17.20 9.79 -3.15
C HIS A 118 -18.23 10.37 -4.11
N GLN A 119 -17.78 11.25 -5.01
CA GLN A 119 -18.63 11.75 -6.09
CA GLN A 119 -18.63 11.75 -6.09
C GLN A 119 -19.17 10.62 -6.94
N ARG A 120 -18.36 9.59 -7.17
CA ARG A 120 -18.76 8.51 -8.07
C ARG A 120 -19.60 7.44 -7.39
N HIS A 121 -19.38 7.22 -6.09
CA HIS A 121 -19.91 6.05 -5.41
C HIS A 121 -20.47 6.34 -4.03
N GLY A 122 -20.44 7.59 -3.56
CA GLY A 122 -20.88 7.89 -2.22
C GLY A 122 -22.41 7.84 -2.09
N ARG A 123 -22.88 7.41 -0.92
CA ARG A 123 -24.31 7.44 -0.60
CA ARG A 123 -24.30 7.42 -0.59
C ARG A 123 -24.55 8.29 0.65
N LEU A 124 -23.60 8.30 1.59
CA LEU A 124 -23.71 9.13 2.77
C LEU A 124 -23.13 10.50 2.52
N PRO A 125 -23.55 11.49 3.33
CA PRO A 125 -23.00 12.82 3.16
C PRO A 125 -21.51 12.84 3.51
N TRP A 126 -20.77 13.67 2.78
CA TRP A 126 -19.35 13.88 3.01
C TRP A 126 -19.03 14.03 4.50
N ALA A 127 -19.75 14.91 5.18
CA ALA A 127 -19.42 15.24 6.59
C ALA A 127 -19.55 14.08 7.53
N ARG A 128 -20.54 13.23 7.28
CA ARG A 128 -20.75 12.04 8.06
C ARG A 128 -19.53 11.10 8.05
N LEU A 129 -18.74 11.13 6.99
CA LEU A 129 -17.58 10.24 6.89
C LEU A 129 -16.47 10.66 7.84
N PHE A 130 -16.42 11.95 8.15
CA PHE A 130 -15.40 12.53 9.01
C PHE A 130 -15.78 12.48 10.48
N GLN A 131 -17.08 12.44 10.75
CA GLN A 131 -17.60 12.67 12.12
C GLN A 131 -16.93 11.79 13.17
N PRO A 132 -16.89 10.48 12.96
CA PRO A 132 -16.30 9.68 14.01
C PRO A 132 -14.80 9.93 14.21
N SER A 133 -14.08 10.36 13.17
CA SER A 133 -12.64 10.60 13.32
C SER A 133 -12.36 11.96 13.99
N ILE A 134 -13.21 12.95 13.75
CA ILE A 134 -13.14 14.21 14.47
C ILE A 134 -13.23 13.95 15.97
N GLN A 135 -14.21 13.13 16.38
CA GLN A 135 -14.33 12.80 17.79
C GLN A 135 -13.10 12.14 18.37
N LEU A 136 -12.63 11.11 17.67
CA LEU A 136 -11.48 10.34 18.05
C LEU A 136 -10.27 11.23 18.24
N ALA A 137 -9.98 12.07 17.27
CA ALA A 137 -8.79 12.93 17.37
C ALA A 137 -8.89 13.90 18.56
N ARG A 138 -10.09 14.35 18.85
CA ARG A 138 -10.30 15.39 19.84
C ARG A 138 -10.29 14.82 21.26
N GLN A 139 -10.83 13.61 21.40
CA GLN A 139 -10.98 12.92 22.67
C GLN A 139 -9.70 12.20 23.08
N GLY A 140 -9.07 11.58 22.07
CA GLY A 140 -7.84 10.84 22.24
C GLY A 140 -8.13 9.36 22.12
N PHE A 141 -7.08 8.54 22.04
CA PHE A 141 -7.26 7.08 21.97
C PHE A 141 -5.96 6.45 22.45
N PRO A 142 -6.03 5.21 22.96
CA PRO A 142 -4.80 4.55 23.36
C PRO A 142 -3.94 4.19 22.14
N VAL A 143 -2.64 4.37 22.28
CA VAL A 143 -1.71 4.11 21.22
C VAL A 143 -1.64 2.59 20.96
N GLY A 144 -1.84 2.16 19.72
CA GLY A 144 -1.83 0.74 19.33
C GLY A 144 -0.43 0.18 19.18
N LYS A 145 -0.34 -1.14 19.06
CA LYS A 145 0.94 -1.84 18.88
C LYS A 145 1.76 -1.27 17.72
N GLY A 146 1.10 -1.12 16.57
CA GLY A 146 1.76 -0.70 15.34
C GLY A 146 2.39 0.65 15.46
N LEU A 147 1.64 1.61 15.94
CA LEU A 147 2.17 2.96 16.14
C LEU A 147 3.25 2.96 17.19
N ALA A 148 3.06 2.19 18.26
CA ALA A 148 4.05 2.15 19.34
C ALA A 148 5.41 1.69 18.82
N ALA A 149 5.42 0.63 18.01
CA ALA A 149 6.66 0.15 17.44
C ALA A 149 7.24 1.19 16.48
N ALA A 150 6.38 1.86 15.73
CA ALA A 150 6.88 2.91 14.83
C ALA A 150 7.49 4.06 15.65
N LEU A 151 6.82 4.47 16.74
CA LEU A 151 7.38 5.52 17.62
C LEU A 151 8.74 5.13 18.22
N GLU A 152 8.83 3.90 18.70
CA GLU A 152 10.09 3.37 19.20
C GLU A 152 11.16 3.43 18.12
N ASN A 153 10.82 2.95 16.91
CA ASN A 153 11.77 2.94 15.79
C ASN A 153 12.35 4.29 15.45
N LYS A 154 11.54 5.35 15.56
CA LYS A 154 11.98 6.71 15.22
C LYS A 154 12.05 7.60 16.47
N ARG A 155 12.28 6.96 17.61
CA ARG A 155 12.31 7.65 18.89
CA ARG A 155 12.30 7.64 18.88
C ARG A 155 13.16 8.91 18.82
N THR A 156 14.38 8.77 18.32
CA THR A 156 15.32 9.87 18.32
C THR A 156 14.84 11.07 17.52
N VAL A 157 14.42 10.86 16.27
CA VAL A 157 14.03 11.99 15.41
C VAL A 157 12.80 12.67 15.95
N ILE A 158 11.88 11.90 16.51
CA ILE A 158 10.66 12.44 17.08
C ILE A 158 10.91 13.23 18.36
N GLU A 159 11.72 12.68 19.25
CA GLU A 159 12.00 13.34 20.53
C GLU A 159 12.77 14.63 20.32
N GLN A 160 13.63 14.68 19.31
CA GLN A 160 14.41 15.89 19.07
C GLN A 160 13.68 16.93 18.19
N GLN A 161 12.48 16.60 17.70
CA GLN A 161 11.68 17.52 16.88
C GLN A 161 10.44 18.00 17.67
N PRO A 162 10.45 19.26 18.14
CA PRO A 162 9.41 19.70 19.05
C PRO A 162 7.97 19.72 18.47
N VAL A 163 7.81 20.05 17.19
CA VAL A 163 6.45 20.02 16.59
C VAL A 163 5.87 18.60 16.51
N LEU A 164 6.70 17.58 16.33
CA LEU A 164 6.23 16.18 16.39
C LEU A 164 6.03 15.69 17.84
N CYS A 165 6.96 16.06 18.72
CA CYS A 165 6.90 15.64 20.14
C CYS A 165 5.66 16.24 20.85
N GLU A 166 5.27 17.43 20.41
CA GLU A 166 4.01 18.07 20.80
C GLU A 166 2.86 17.08 20.91
N VAL A 167 2.69 16.20 19.93
CA VAL A 167 1.61 15.22 19.95
C VAL A 167 2.09 13.79 20.16
N PHE A 168 3.29 13.47 19.73
CA PHE A 168 3.74 12.06 19.82
C PHE A 168 4.57 11.72 21.07
N CYS A 169 4.71 12.68 21.99
CA CYS A 169 5.35 12.40 23.28
C CYS A 169 4.47 12.63 24.49
N ARG A 170 4.93 12.10 25.61
CA ARG A 170 4.41 12.37 26.94
C ARG A 170 5.63 12.58 27.82
N ASP A 171 5.79 13.80 28.32
CA ASP A 171 6.95 14.19 29.15
C ASP A 171 8.24 14.00 28.39
N ARG A 172 8.29 14.57 27.20
CA ARG A 172 9.49 14.56 26.33
C ARG A 172 9.92 13.20 25.75
N LYS A 173 9.18 12.13 26.04
CA LYS A 173 9.51 10.77 25.58
C LYS A 173 8.37 10.19 24.72
N VAL A 174 8.70 9.44 23.67
CA VAL A 174 7.66 8.93 22.78
C VAL A 174 6.64 8.11 23.52
N LEU A 175 5.38 8.22 23.10
CA LEU A 175 4.30 7.48 23.68
C LEU A 175 4.53 6.00 23.47
N ARG A 176 3.97 5.20 24.38
CA ARG A 176 4.07 3.75 24.32
C ARG A 176 2.67 3.18 24.18
N GLU A 177 2.59 1.87 23.90
CA GLU A 177 1.29 1.22 23.74
C GLU A 177 0.48 1.38 25.02
N GLY A 178 -0.80 1.68 24.87
CA GLY A 178 -1.66 1.98 26.00
C GLY A 178 -1.80 3.47 26.31
N GLU A 179 -0.76 4.29 26.10
CA GLU A 179 -0.81 5.71 26.47
C GLU A 179 -1.71 6.51 25.53
N ARG A 180 -2.22 7.65 25.99
CA ARG A 180 -3.25 8.36 25.24
C ARG A 180 -2.63 9.31 24.19
N LEU A 181 -3.05 9.16 22.94
CA LEU A 181 -2.65 10.10 21.88
C LEU A 181 -3.85 10.96 21.53
N THR A 182 -3.65 12.28 21.54
CA THR A 182 -4.69 13.23 21.11
CA THR A 182 -4.68 13.22 21.11
C THR A 182 -4.11 14.02 19.95
N LEU A 183 -4.97 14.35 18.99
CA LEU A 183 -4.55 15.00 17.74
C LEU A 183 -5.46 16.19 17.51
N PRO A 184 -5.28 17.25 18.31
CA PRO A 184 -6.29 18.30 18.37
C PRO A 184 -6.31 19.21 17.18
N GLN A 185 -5.15 19.43 16.58
CA GLN A 185 -5.09 20.22 15.36
C GLN A 185 -5.69 19.48 14.16
N LEU A 186 -5.38 18.20 14.02
CA LEU A 186 -5.98 17.41 12.95
C LEU A 186 -7.49 17.35 13.10
N ALA A 187 -7.97 17.28 14.32
CA ALA A 187 -9.42 17.29 14.54
C ALA A 187 -10.04 18.53 13.91
N ASP A 188 -9.41 19.68 14.10
CA ASP A 188 -9.96 20.92 13.53
C ASP A 188 -9.89 20.85 12.00
N THR A 189 -8.79 20.33 11.50
CA THR A 189 -8.57 20.22 10.06
C THR A 189 -9.61 19.28 9.42
N TYR A 190 -9.84 18.14 10.06
CA TYR A 190 -10.86 17.21 9.59
C TYR A 190 -12.21 17.89 9.61
N GLU A 191 -12.48 18.67 10.67
CA GLU A 191 -13.74 19.41 10.73
C GLU A 191 -13.92 20.40 9.58
N THR A 192 -12.88 21.19 9.30
CA THR A 192 -12.92 22.08 8.16
C THR A 192 -13.16 21.27 6.85
N LEU A 193 -12.50 20.13 6.70
CA LEU A 193 -12.70 19.35 5.48
C LEU A 193 -14.13 18.87 5.34
N ALA A 194 -14.70 18.44 6.46
CA ALA A 194 -16.05 17.93 6.48
C ALA A 194 -17.05 19.00 6.06
N ILE A 195 -16.80 20.22 6.50
CA ILE A 195 -17.75 21.30 6.27
C ILE A 195 -17.50 22.03 4.96
N GLU A 196 -16.25 22.39 4.66
CA GLU A 196 -15.95 23.12 3.44
C GLU A 196 -15.62 22.21 2.24
N GLY A 197 -15.52 20.91 2.47
CA GLY A 197 -15.14 20.01 1.38
C GLY A 197 -13.66 20.00 1.00
N ALA A 198 -13.36 19.24 -0.05
CA ALA A 198 -12.00 19.02 -0.51
C ALA A 198 -11.28 20.31 -0.92
N GLN A 199 -12.07 21.24 -1.44
CA GLN A 199 -11.54 22.52 -1.90
C GLN A 199 -10.84 23.26 -0.79
N ALA A 200 -11.22 23.04 0.47
CA ALA A 200 -10.51 23.73 1.55
C ALA A 200 -9.01 23.41 1.55
N PHE A 201 -8.67 22.18 1.18
CA PHE A 201 -7.28 21.72 1.12
C PHE A 201 -6.56 22.29 -0.11
N TYR A 202 -7.21 22.23 -1.26
CA TYR A 202 -6.52 22.47 -2.53
C TYR A 202 -6.63 23.86 -3.08
N ASN A 203 -7.71 24.56 -2.73
CA ASN A 203 -7.96 25.90 -3.21
C ASN A 203 -8.91 26.63 -2.28
N GLY A 204 -8.51 26.76 -1.02
CA GLY A 204 -9.45 27.13 0.05
C GLY A 204 -8.74 27.50 1.33
N SER A 205 -9.42 27.36 2.46
CA SER A 205 -8.97 27.95 3.72
C SER A 205 -7.74 27.29 4.34
N LEU A 206 -7.38 26.07 3.91
CA LEU A 206 -6.16 25.43 4.42
C LEU A 206 -4.92 25.67 3.55
N THR A 207 -5.15 26.08 2.32
CA THR A 207 -4.15 26.00 1.29
C THR A 207 -2.89 26.76 1.61
N ALA A 208 -3.02 28.02 1.99
CA ALA A 208 -1.84 28.87 2.24
C ALA A 208 -1.00 28.41 3.42
N GLN A 209 -1.66 27.93 4.46
CA GLN A 209 -0.92 27.36 5.58
C GLN A 209 -0.14 26.09 5.16
N ILE A 210 -0.74 25.25 4.31
CA ILE A 210 -0.02 24.07 3.79
C ILE A 210 1.27 24.49 3.09
N VAL A 211 1.15 25.45 2.18
CA VAL A 211 2.29 25.88 1.39
C VAL A 211 3.34 26.46 2.34
N LYS A 212 2.88 27.24 3.31
CA LYS A 212 3.78 27.87 4.24
C LYS A 212 4.55 26.85 5.08
N ASP A 213 3.86 25.82 5.56
CA ASP A 213 4.51 24.78 6.37
C ASP A 213 5.56 24.01 5.59
N ILE A 214 5.24 23.70 4.35
CA ILE A 214 6.13 22.93 3.50
C ILE A 214 7.37 23.78 3.16
N GLN A 215 7.14 25.03 2.79
CA GLN A 215 8.28 25.92 2.47
C GLN A 215 9.14 26.25 3.66
N ALA A 216 8.56 26.44 4.84
CA ALA A 216 9.38 26.76 6.03
C ALA A 216 10.36 25.65 6.30
N ALA A 217 9.97 24.41 5.99
CA ALA A 217 10.84 23.27 6.20
C ALA A 217 11.76 23.01 5.01
N GLY A 218 11.80 23.94 4.05
CA GLY A 218 12.75 23.89 2.93
C GLY A 218 12.18 23.35 1.62
N GLY A 219 10.86 23.22 1.54
CA GLY A 219 10.20 22.65 0.39
C GLY A 219 9.88 23.64 -0.69
N ILE A 220 9.30 23.13 -1.77
CA ILE A 220 9.06 23.96 -2.96
C ILE A 220 7.66 23.86 -3.52
N VAL A 221 6.77 23.21 -2.79
CA VAL A 221 5.36 23.14 -3.15
C VAL A 221 4.76 24.53 -3.08
N THR A 222 3.94 24.89 -4.06
CA THR A 222 3.31 26.22 -4.12
C THR A 222 1.81 26.07 -4.16
N ALA A 223 1.10 27.19 -4.01
CA ALA A 223 -0.37 27.17 -4.09
C ALA A 223 -0.83 26.58 -5.41
N GLU A 224 -0.17 26.99 -6.47
CA GLU A 224 -0.46 26.52 -7.83
C GLU A 224 -0.45 24.96 -7.92
N ASP A 225 0.54 24.33 -7.28
CA ASP A 225 0.61 22.85 -7.27
C ASP A 225 -0.66 22.24 -6.68
N LEU A 226 -1.09 22.79 -5.53
CA LEU A 226 -2.30 22.32 -4.86
C LEU A 226 -3.54 22.59 -5.73
N ASN A 227 -3.68 23.84 -6.22
CA ASN A 227 -4.80 24.18 -7.09
C ASN A 227 -4.87 23.20 -8.27
N ASN A 228 -3.72 22.80 -8.81
CA ASN A 228 -3.73 21.99 -10.03
C ASN A 228 -3.84 20.48 -9.83
N TYR A 229 -3.72 19.98 -8.59
CA TYR A 229 -3.71 18.53 -8.39
C TYR A 229 -5.04 17.94 -8.85
N ARG A 230 -5.02 16.80 -9.53
CA ARG A 230 -6.25 16.12 -9.90
C ARG A 230 -6.12 14.62 -9.67
N ALA A 231 -7.14 14.04 -9.03
CA ALA A 231 -7.26 12.61 -8.94
C ALA A 231 -7.71 12.13 -10.30
N GLU A 232 -7.30 10.94 -10.69
CA GLU A 232 -7.60 10.40 -12.01
C GLU A 232 -8.42 9.10 -11.96
N LEU A 233 -9.52 9.09 -12.68
CA LEU A 233 -10.32 7.89 -12.88
C LEU A 233 -9.68 7.08 -14.00
N ILE A 234 -9.41 5.81 -13.74
CA ILE A 234 -8.94 4.87 -14.75
C ILE A 234 -10.03 3.79 -14.91
N GLU A 235 -10.73 3.81 -16.02
CA GLU A 235 -11.80 2.91 -16.27
C GLU A 235 -11.40 1.49 -16.58
N HIS A 236 -10.19 1.32 -17.06
CA HIS A 236 -9.67 -0.01 -17.43
C HIS A 236 -8.40 -0.30 -16.66
N PRO A 237 -8.56 -0.77 -15.44
CA PRO A 237 -7.41 -1.21 -14.71
C PRO A 237 -6.77 -2.44 -15.35
N LEU A 238 -5.60 -2.80 -14.85
CA LEU A 238 -4.94 -4.02 -15.23
C LEU A 238 -5.79 -5.18 -14.78
N ASN A 239 -5.87 -6.21 -15.60
CA ASN A 239 -6.39 -7.47 -15.13
C ASN A 239 -5.55 -8.66 -15.62
N ILE A 240 -5.61 -9.74 -14.87
CA ILE A 240 -5.23 -11.01 -15.40
C ILE A 240 -6.27 -12.03 -15.07
N SER A 241 -6.24 -13.07 -15.86
CA SER A 241 -7.11 -14.18 -15.74
C SER A 241 -6.34 -15.22 -14.93
N LEU A 242 -6.96 -15.69 -13.86
CA LEU A 242 -6.46 -16.80 -13.08
C LEU A 242 -7.57 -17.82 -12.93
N GLY A 243 -7.47 -18.92 -13.69
CA GLY A 243 -8.52 -19.93 -13.70
C GLY A 243 -9.82 -19.34 -14.20
N ASP A 244 -10.86 -19.49 -13.40
CA ASP A 244 -12.15 -18.88 -13.66
C ASP A 244 -12.30 -17.48 -13.03
N ALA A 245 -11.19 -16.83 -12.65
CA ALA A 245 -11.28 -15.53 -12.02
C ALA A 245 -10.56 -14.50 -12.82
N VAL A 246 -10.88 -13.25 -12.55
CA VAL A 246 -10.14 -12.15 -13.09
C VAL A 246 -9.64 -11.36 -11.89
N LEU A 247 -8.42 -10.86 -11.98
CA LEU A 247 -7.80 -10.02 -10.93
C LEU A 247 -7.60 -8.63 -11.42
N TYR A 248 -8.17 -7.68 -10.72
CA TYR A 248 -8.09 -6.27 -11.08
C TYR A 248 -7.07 -5.62 -10.18
N MET A 249 -6.16 -4.85 -10.76
CA MET A 249 -5.08 -4.21 -10.01
C MET A 249 -4.58 -3.01 -10.83
N PRO A 250 -3.86 -2.08 -10.18
CA PRO A 250 -3.45 -0.88 -10.88
C PRO A 250 -2.23 -1.09 -11.73
N SER A 251 -2.22 -0.53 -12.93
CA SER A 251 -1.01 -0.54 -13.71
C SER A 251 0.03 0.49 -13.22
N ALA A 252 1.11 0.64 -13.96
CA ALA A 252 2.12 1.65 -13.64
C ALA A 252 1.41 2.99 -13.45
N PRO A 253 1.80 3.82 -12.49
CA PRO A 253 3.02 3.72 -11.71
C PRO A 253 3.00 2.82 -10.48
N LEU A 254 1.94 2.06 -10.26
CA LEU A 254 1.94 1.04 -9.23
C LEU A 254 2.43 -0.31 -9.79
N SER A 255 2.41 -1.35 -8.96
CA SER A 255 3.11 -2.59 -9.24
C SER A 255 2.21 -3.76 -9.64
N GLY A 256 1.00 -3.49 -10.10
CA GLY A 256 0.18 -4.52 -10.70
C GLY A 256 0.91 -5.35 -11.75
N PRO A 257 1.71 -4.71 -12.63
CA PRO A 257 2.41 -5.52 -13.61
C PRO A 257 3.41 -6.51 -13.04
N VAL A 258 4.04 -6.14 -11.92
CA VAL A 258 4.97 -7.02 -11.20
C VAL A 258 4.19 -8.21 -10.60
N LEU A 259 3.08 -7.88 -9.95
CA LEU A 259 2.19 -8.88 -9.39
C LEU A 259 1.68 -9.82 -10.48
N ALA A 260 1.25 -9.25 -11.59
CA ALA A 260 0.74 -10.02 -12.69
C ALA A 260 1.79 -11.03 -13.17
N LEU A 261 3.01 -10.55 -13.35
CA LEU A 261 4.09 -11.41 -13.83
C LEU A 261 4.44 -12.51 -12.83
N ILE A 262 4.49 -12.17 -11.55
CA ILE A 262 4.76 -13.21 -10.55
C ILE A 262 3.71 -14.32 -10.67
N LEU A 263 2.44 -13.95 -10.68
CA LEU A 263 1.38 -14.93 -10.68
C LEU A 263 1.27 -15.69 -11.99
N ASN A 264 1.49 -15.04 -13.14
CA ASN A 264 1.45 -15.75 -14.40
C ASN A 264 2.65 -16.71 -14.58
N ILE A 265 3.80 -16.37 -14.01
CA ILE A 265 4.93 -17.30 -13.99
C ILE A 265 4.50 -18.55 -13.22
N LEU A 266 4.00 -18.34 -12.01
CA LEU A 266 3.70 -19.43 -11.12
C LEU A 266 2.50 -20.27 -11.52
N LYS A 267 1.56 -19.68 -12.23
CA LYS A 267 0.34 -20.41 -12.55
C LYS A 267 0.61 -21.65 -13.41
N GLY A 268 1.62 -21.62 -14.26
CA GLY A 268 1.96 -22.82 -15.07
C GLY A 268 2.54 -24.01 -14.29
N TYR A 269 2.84 -23.85 -13.00
CA TYR A 269 3.22 -24.97 -12.14
C TYR A 269 2.01 -25.70 -11.54
N ASN A 270 0.81 -25.14 -11.71
CA ASN A 270 -0.43 -25.77 -11.20
C ASN A 270 -0.34 -26.09 -9.72
N PHE A 271 -0.04 -25.08 -8.92
CA PHE A 271 0.09 -25.28 -7.48
C PHE A 271 -1.28 -25.70 -6.90
N SER A 272 -1.21 -26.53 -5.87
CA SER A 272 -2.41 -27.02 -5.18
C SER A 272 -2.03 -27.28 -3.74
N ARG A 273 -2.97 -27.84 -2.99
CA ARG A 273 -2.67 -28.34 -1.64
C ARG A 273 -1.48 -29.31 -1.63
N GLU A 274 -1.32 -30.11 -2.67
CA GLU A 274 -0.21 -31.07 -2.72
C GLU A 274 1.16 -30.38 -2.76
N SER A 275 1.22 -29.17 -3.32
CA SER A 275 2.47 -28.43 -3.45
C SER A 275 3.15 -28.16 -2.12
N VAL A 276 2.39 -28.20 -1.04
CA VAL A 276 2.94 -27.98 0.29
C VAL A 276 2.73 -29.13 1.31
N GLU A 277 2.35 -30.31 0.85
CA GLU A 277 2.02 -31.42 1.76
C GLU A 277 3.22 -32.19 2.31
N SER A 278 4.31 -32.25 1.56
CA SER A 278 5.54 -32.83 2.07
C SER A 278 6.63 -31.78 2.03
N PRO A 279 7.69 -31.99 2.82
CA PRO A 279 8.86 -31.11 2.78
C PRO A 279 9.49 -31.03 1.39
N GLU A 280 9.43 -32.14 0.64
CA GLU A 280 10.06 -32.18 -0.67
C GLU A 280 9.34 -31.24 -1.62
N GLN A 281 8.02 -31.39 -1.71
CA GLN A 281 7.21 -30.53 -2.57
C GLN A 281 7.22 -29.07 -2.08
N LYS A 282 7.13 -28.90 -0.77
CA LYS A 282 7.06 -27.58 -0.17
C LYS A 282 8.30 -26.76 -0.47
N GLY A 283 9.47 -27.37 -0.30
CA GLY A 283 10.74 -26.69 -0.46
C GLY A 283 10.90 -26.29 -1.92
N LEU A 284 10.57 -27.21 -2.84
CA LEU A 284 10.61 -26.88 -4.25
C LEU A 284 9.63 -25.76 -4.62
N THR A 285 8.41 -25.87 -4.10
CA THR A 285 7.40 -24.85 -4.32
C THR A 285 7.91 -23.45 -3.89
N TYR A 286 8.47 -23.34 -2.70
CA TYR A 286 8.92 -22.04 -2.22
C TYR A 286 10.14 -21.57 -3.01
N HIS A 287 10.94 -22.52 -3.46
CA HIS A 287 12.04 -22.16 -4.35
C HIS A 287 11.52 -21.53 -5.64
N ARG A 288 10.53 -22.14 -6.23
CA ARG A 288 9.95 -21.61 -7.45
C ARG A 288 9.32 -20.24 -7.26
N ILE A 289 8.74 -19.99 -6.10
CA ILE A 289 8.17 -18.68 -5.77
C ILE A 289 9.28 -17.61 -5.79
N VAL A 290 10.38 -17.87 -5.11
CA VAL A 290 11.44 -16.90 -5.00
C VAL A 290 12.00 -16.55 -6.38
N GLU A 291 12.19 -17.56 -7.22
CA GLU A 291 12.70 -17.37 -8.57
C GLU A 291 11.73 -16.56 -9.44
N ALA A 292 10.43 -16.81 -9.31
CA ALA A 292 9.42 -15.97 -9.96
C ALA A 292 9.51 -14.51 -9.49
N PHE A 293 9.73 -14.32 -8.19
CA PHE A 293 9.96 -12.98 -7.66
C PHE A 293 11.17 -12.33 -8.37
N ARG A 294 12.27 -13.09 -8.47
CA ARG A 294 13.45 -12.54 -9.09
C ARG A 294 13.26 -12.18 -10.57
N PHE A 295 12.62 -13.07 -11.32
CA PHE A 295 12.35 -12.76 -12.73
C PHE A 295 11.43 -11.54 -12.86
N ALA A 296 10.47 -11.37 -11.95
CA ALA A 296 9.52 -10.25 -12.06
C ALA A 296 10.17 -8.94 -11.66
N TYR A 297 10.99 -8.95 -10.60
CA TYR A 297 11.69 -7.75 -10.23
C TYR A 297 12.71 -7.32 -11.28
N ALA A 298 13.16 -8.24 -12.12
CA ALA A 298 14.12 -7.91 -13.19
C ALA A 298 13.53 -6.88 -14.16
N LYS A 299 12.24 -7.01 -14.41
CA LYS A 299 11.58 -6.23 -15.42
C LYS A 299 11.04 -4.91 -14.82
N ARG A 300 10.93 -4.87 -13.50
CA ARG A 300 10.37 -3.74 -12.75
C ARG A 300 11.11 -2.44 -12.98
N THR A 301 12.43 -2.50 -13.11
CA THR A 301 13.24 -1.30 -13.35
C THR A 301 12.97 -0.54 -14.64
N LEU A 302 12.16 -1.08 -15.55
CA LEU A 302 11.72 -0.30 -16.73
C LEU A 302 10.43 0.47 -16.49
N LEU A 303 9.80 0.28 -15.36
CA LEU A 303 8.51 0.92 -15.07
C LEU A 303 8.67 2.35 -14.56
N GLY A 304 7.68 3.17 -14.86
CA GLY A 304 7.60 4.53 -14.37
C GLY A 304 6.23 5.07 -14.74
N ASP A 305 6.00 6.33 -14.41
CA ASP A 305 4.73 6.99 -14.70
C ASP A 305 4.49 6.97 -16.21
N PRO A 306 3.42 6.31 -16.66
CA PRO A 306 3.17 6.10 -18.08
C PRO A 306 2.82 7.35 -18.85
N LYS A 307 2.49 8.41 -18.14
CA LYS A 307 2.32 9.70 -18.79
C LYS A 307 3.64 10.36 -19.14
N PHE A 308 4.73 9.92 -18.51
CA PHE A 308 6.06 10.46 -18.79
C PHE A 308 7.01 9.48 -19.50
N VAL A 309 6.70 8.19 -19.47
CA VAL A 309 7.61 7.16 -19.97
C VAL A 309 6.73 6.17 -20.69
N ASP A 310 7.17 5.70 -21.84
CA ASP A 310 6.37 4.78 -22.62
C ASP A 310 6.62 3.38 -22.05
N VAL A 311 5.62 2.83 -21.37
CA VAL A 311 5.77 1.51 -20.73
C VAL A 311 4.84 0.48 -21.36
N THR A 312 4.25 0.86 -22.48
CA THR A 312 3.19 0.11 -23.14
C THR A 312 3.60 -1.34 -23.44
N GLU A 313 4.79 -1.51 -23.99
CA GLU A 313 5.29 -2.84 -24.36
C GLU A 313 5.83 -3.58 -23.17
N VAL A 314 6.54 -2.89 -22.30
CA VAL A 314 6.98 -3.50 -21.05
C VAL A 314 5.79 -4.13 -20.31
N VAL A 315 4.72 -3.35 -20.19
CA VAL A 315 3.55 -3.78 -19.43
C VAL A 315 2.86 -4.93 -20.15
N ARG A 316 2.82 -4.84 -21.47
CA ARG A 316 2.29 -5.86 -22.33
C ARG A 316 2.99 -7.20 -22.05
N ASN A 317 4.30 -7.18 -22.01
CA ASN A 317 5.07 -8.37 -21.68
C ASN A 317 4.84 -8.90 -20.28
N MET A 318 4.84 -7.98 -19.31
CA MET A 318 4.71 -8.35 -17.91
C MET A 318 3.35 -8.97 -17.61
N THR A 319 2.33 -8.67 -18.41
CA THR A 319 1.00 -9.27 -18.27
C THR A 319 0.74 -10.42 -19.27
N SER A 320 1.71 -10.78 -20.11
CA SER A 320 1.51 -11.84 -21.10
C SER A 320 1.86 -13.18 -20.50
N GLU A 321 0.96 -14.16 -20.65
CA GLU A 321 1.17 -15.52 -20.17
C GLU A 321 2.27 -16.20 -20.90
N PHE A 322 2.39 -15.89 -22.19
CA PHE A 322 3.43 -16.49 -22.99
C PHE A 322 4.83 -16.09 -22.51
N PHE A 323 5.04 -14.80 -22.32
CA PHE A 323 6.26 -14.24 -21.77
C PHE A 323 6.54 -14.84 -20.39
N ALA A 324 5.50 -14.97 -19.58
CA ALA A 324 5.69 -15.53 -18.26
C ALA A 324 6.14 -16.96 -18.38
N ALA A 325 5.61 -17.68 -19.38
CA ALA A 325 6.01 -19.06 -19.61
C ALA A 325 7.46 -19.17 -20.06
N GLN A 326 7.91 -18.20 -20.85
CA GLN A 326 9.32 -18.12 -21.23
C GLN A 326 10.24 -17.98 -20.01
N LEU A 327 9.84 -17.14 -19.07
CA LEU A 327 10.57 -16.96 -17.83
C LEU A 327 10.49 -18.21 -16.96
N ARG A 328 9.30 -18.78 -16.81
CA ARG A 328 9.20 -20.03 -16.04
C ARG A 328 10.10 -21.15 -16.53
N ALA A 329 10.30 -21.26 -17.86
CA ALA A 329 11.13 -22.32 -18.43
C ALA A 329 12.59 -22.08 -18.08
N GLN A 330 12.95 -20.86 -17.69
CA GLN A 330 14.31 -20.59 -17.26
C GLN A 330 14.53 -20.79 -15.75
N ILE A 331 13.47 -21.13 -15.03
CA ILE A 331 13.63 -21.42 -13.61
C ILE A 331 14.17 -22.84 -13.43
N SER A 332 15.38 -22.94 -12.89
CA SER A 332 15.97 -24.24 -12.55
C SER A 332 15.47 -24.73 -11.21
N ASP A 333 15.00 -25.97 -11.19
CA ASP A 333 14.44 -26.54 -9.99
C ASP A 333 15.46 -26.82 -8.90
N ASP A 334 16.73 -26.96 -9.28
CA ASP A 334 17.82 -27.29 -8.34
C ASP A 334 18.72 -26.10 -7.93
N THR A 335 18.52 -24.92 -8.50
CA THR A 335 19.42 -23.80 -8.14
C THR A 335 18.84 -22.43 -8.47
N THR A 336 19.18 -21.45 -7.63
CA THR A 336 19.00 -20.05 -7.97
C THR A 336 20.20 -19.64 -8.83
N HIS A 337 20.17 -18.41 -9.33
CA HIS A 337 21.20 -17.99 -10.27
C HIS A 337 21.69 -16.61 -9.91
N PRO A 338 22.77 -16.18 -10.54
CA PRO A 338 23.22 -14.80 -10.36
C PRO A 338 22.29 -13.74 -11.00
N ILE A 339 22.46 -12.51 -10.56
CA ILE A 339 21.58 -11.43 -10.99
C ILE A 339 21.43 -11.33 -12.51
N SER A 340 22.53 -11.42 -13.24
CA SER A 340 22.51 -11.28 -14.71
C SER A 340 21.62 -12.31 -15.40
N TYR A 341 21.43 -13.44 -14.78
CA TYR A 341 20.66 -14.50 -15.37
C TYR A 341 19.22 -14.05 -15.66
N TYR A 342 18.70 -13.18 -14.81
CA TYR A 342 17.31 -12.73 -14.89
C TYR A 342 17.15 -11.55 -15.84
N LYS A 343 18.27 -11.05 -16.39
CA LYS A 343 18.27 -9.93 -17.36
C LYS A 343 17.54 -8.70 -16.83
N PRO A 344 17.94 -8.21 -15.68
CA PRO A 344 17.42 -6.91 -15.29
C PRO A 344 17.77 -5.83 -16.33
N GLU A 345 16.83 -4.96 -16.64
CA GLU A 345 17.04 -3.90 -17.63
C GLU A 345 16.74 -2.52 -17.07
N PHE A 346 17.59 -1.57 -17.41
CA PHE A 346 17.45 -0.15 -17.05
C PHE A 346 17.13 0.79 -18.25
N TYR A 347 17.04 0.22 -19.46
CA TYR A 347 16.69 0.93 -20.70
C TYR A 347 16.00 -0.03 -21.66
N THR A 348 15.13 0.47 -22.52
CA THR A 348 14.47 -0.39 -23.51
C THR A 348 15.38 -0.65 -24.72
N THR B 1 2.72 3.17 4.90
CA THR B 1 1.68 2.57 4.03
C THR B 1 0.62 1.84 4.89
N ALA B 2 -0.65 1.89 4.48
CA ALA B 2 -1.70 1.08 5.10
C ALA B 2 -2.63 0.53 4.02
N HIS B 3 -3.04 -0.71 4.21
CA HIS B 3 -3.98 -1.33 3.31
C HIS B 3 -5.27 -1.61 4.00
N LEU B 4 -6.34 -1.43 3.24
CA LEU B 4 -7.67 -1.65 3.75
C LEU B 4 -8.54 -2.35 2.70
N SER B 5 -9.35 -3.33 3.13
CA SER B 5 -10.27 -4.03 2.22
C SER B 5 -11.72 -3.95 2.69
N VAL B 6 -12.62 -3.69 1.75
CA VAL B 6 -14.05 -3.56 2.05
C VAL B 6 -14.95 -4.33 1.08
N VAL B 7 -15.93 -5.06 1.62
CA VAL B 7 -17.02 -5.58 0.82
C VAL B 7 -18.36 -5.14 1.41
N ALA B 8 -19.19 -4.50 0.60
CA ALA B 8 -20.54 -4.11 1.03
C ALA B 8 -21.60 -5.18 0.75
N GLU B 9 -22.76 -4.96 1.33
CA GLU B 9 -23.89 -5.89 1.27
C GLU B 9 -24.33 -6.19 -0.14
N ASP B 10 -24.32 -5.18 -1.02
CA ASP B 10 -24.65 -5.37 -2.43
C ASP B 10 -23.58 -6.13 -3.23
N GLY B 11 -22.49 -6.54 -2.58
CA GLY B 11 -21.44 -7.29 -3.27
C GLY B 11 -20.37 -6.39 -3.91
N SER B 12 -20.52 -5.08 -3.82
CA SER B 12 -19.47 -4.17 -4.27
C SER B 12 -18.26 -4.15 -3.31
N ALA B 13 -17.11 -3.75 -3.80
CA ALA B 13 -15.90 -3.86 -3.02
C ALA B 13 -14.89 -2.75 -3.30
N VAL B 14 -14.09 -2.45 -2.30
CA VAL B 14 -12.98 -1.52 -2.40
C VAL B 14 -11.71 -2.13 -1.79
N SER B 15 -10.61 -2.00 -2.54
CA SER B 15 -9.27 -2.32 -2.08
C SER B 15 -8.48 -0.99 -2.15
N ALA B 16 -8.04 -0.48 -1.01
CA ALA B 16 -7.43 0.84 -0.92
C ALA B 16 -6.10 0.73 -0.23
N THR B 17 -5.04 1.18 -0.89
CA THR B 17 -3.73 1.30 -0.25
C THR B 17 -3.32 2.76 -0.27
N SER B 18 -2.95 3.29 0.90
CA SER B 18 -2.61 4.69 1.10
C SER B 18 -1.27 4.79 1.83
N THR B 19 -0.51 5.86 1.59
CA THR B 19 0.81 6.01 2.20
C THR B 19 1.35 7.44 2.27
N ILE B 20 2.12 7.72 3.33
CA ILE B 20 3.02 8.92 3.38
C ILE B 20 4.49 8.56 3.19
N ASN B 21 4.70 7.32 2.75
CA ASN B 21 5.97 6.73 2.50
C ASN B 21 6.67 6.21 3.75
N LEU B 22 7.75 6.82 4.23
CA LEU B 22 8.45 6.23 5.36
C LEU B 22 7.62 6.52 6.60
N TYR B 23 8.02 5.97 7.74
CA TYR B 23 7.33 6.23 9.01
C TYR B 23 7.31 7.72 9.29
N PHE B 24 6.13 8.28 9.50
CA PHE B 24 5.96 9.73 9.72
C PHE B 24 6.41 10.60 8.55
N GLY B 25 6.49 10.01 7.35
CA GLY B 25 6.78 10.73 6.14
C GLY B 25 8.04 11.57 6.20
N SER B 26 7.89 12.83 5.82
CA SER B 26 8.99 13.77 5.80
C SER B 26 9.46 14.20 7.20
N LYS B 27 8.71 13.84 8.23
CA LYS B 27 8.91 14.32 9.58
C LYS B 27 8.50 15.77 9.73
N VAL B 28 7.86 16.33 8.70
CA VAL B 28 7.31 17.68 8.80
C VAL B 28 5.83 17.62 9.16
N ARG B 29 5.53 18.01 10.41
CA ARG B 29 4.16 18.24 10.89
C ARG B 29 3.83 19.71 10.94
N SER B 30 2.64 20.08 10.48
CA SER B 30 2.19 21.45 10.62
C SER B 30 1.77 21.70 12.07
N PRO B 31 2.35 22.73 12.72
CA PRO B 31 1.89 23.07 14.07
C PRO B 31 0.47 23.66 14.10
N VAL B 32 -0.01 24.17 12.97
CA VAL B 32 -1.33 24.75 12.89
C VAL B 32 -2.40 23.73 12.46
N SER B 33 -2.17 22.99 11.38
CA SER B 33 -3.18 22.08 10.84
C SER B 33 -3.06 20.67 11.39
N GLY B 34 -1.86 20.30 11.82
CA GLY B 34 -1.62 18.95 12.31
C GLY B 34 -1.26 17.96 11.20
N ILE B 35 -1.27 18.41 9.94
CA ILE B 35 -1.01 17.51 8.80
C ILE B 35 0.45 17.04 8.83
N LEU B 36 0.63 15.75 8.69
CA LEU B 36 1.96 15.17 8.61
C LEU B 36 2.23 14.90 7.12
N PHE B 37 3.26 15.56 6.57
CA PHE B 37 3.53 15.52 5.14
C PHE B 37 4.40 14.34 4.68
N ASN B 38 4.02 13.80 3.53
CA ASN B 38 4.68 12.64 2.94
C ASN B 38 6.09 12.98 2.57
N ASN B 39 6.92 11.95 2.43
CA ASN B 39 8.19 12.04 1.76
C ASN B 39 8.21 11.14 0.52
N GLU B 40 7.18 11.27 -0.28
CA GLU B 40 7.04 10.45 -1.46
C GLU B 40 8.06 10.78 -2.54
N MET B 41 8.71 11.95 -2.46
CA MET B 41 9.82 12.26 -3.40
C MET B 41 10.97 11.24 -3.32
N ASP B 42 11.11 10.57 -2.18
CA ASP B 42 12.10 9.50 -1.97
C ASP B 42 11.82 8.26 -2.83
N ASP B 43 10.60 8.07 -3.34
CA ASP B 43 10.32 6.92 -4.19
C ASP B 43 10.84 7.11 -5.61
N PHE B 44 11.24 8.33 -5.98
CA PHE B 44 11.90 8.50 -7.28
C PHE B 44 13.30 7.94 -7.20
N SER B 45 13.82 7.59 -8.35
CA SER B 45 15.24 7.32 -8.53
C SER B 45 15.96 8.63 -8.82
N SER B 46 17.20 8.78 -8.35
CA SER B 46 17.98 9.99 -8.61
C SER B 46 19.31 9.56 -9.22
N PRO B 47 19.77 10.22 -10.30
CA PRO B 47 21.03 9.77 -10.96
C PRO B 47 22.29 9.87 -10.09
N SER B 48 22.33 10.84 -9.18
CA SER B 48 23.54 11.03 -8.36
C SER B 48 23.53 10.29 -7.01
N ILE B 49 22.43 9.64 -6.64
CA ILE B 49 22.38 8.89 -5.37
C ILE B 49 22.68 7.40 -5.60
N THR B 50 23.69 6.89 -4.89
CA THR B 50 24.00 5.46 -4.85
C THR B 50 23.05 4.75 -3.90
N ASN B 51 21.98 4.17 -4.43
CA ASN B 51 20.93 3.64 -3.56
C ASN B 51 21.42 2.44 -2.74
N GLU B 52 21.87 1.41 -3.46
CA GLU B 52 22.36 0.18 -2.85
C GLU B 52 23.67 -0.16 -3.54
N PHE B 53 24.51 -0.92 -2.85
CA PHE B 53 25.75 -1.41 -3.42
C PHE B 53 25.46 -2.18 -4.71
N GLY B 54 26.05 -1.72 -5.82
CA GLY B 54 25.87 -2.33 -7.12
C GLY B 54 24.52 -2.13 -7.81
N VAL B 55 23.67 -1.28 -7.23
CA VAL B 55 22.35 -0.99 -7.83
C VAL B 55 22.38 0.40 -8.48
N PRO B 56 22.27 0.45 -9.82
CA PRO B 56 22.19 1.75 -10.47
C PRO B 56 20.80 2.39 -10.39
N PRO B 57 20.73 3.67 -10.80
CA PRO B 57 19.48 4.38 -10.97
C PRO B 57 18.62 3.74 -12.05
N SER B 58 17.31 3.99 -11.94
CA SER B 58 16.36 3.62 -12.97
C SER B 58 15.85 4.89 -13.68
N PRO B 59 16.34 5.15 -14.90
CA PRO B 59 15.93 6.38 -15.63
C PRO B 59 14.44 6.51 -15.88
N ALA B 60 13.73 5.40 -16.03
CA ALA B 60 12.29 5.49 -16.15
C ALA B 60 11.63 6.13 -14.89
N ASN B 61 12.30 6.11 -13.74
CA ASN B 61 11.72 6.60 -12.47
C ASN B 61 12.42 7.85 -11.91
N PHE B 62 13.07 8.63 -12.79
CA PHE B 62 13.65 9.91 -12.42
C PHE B 62 12.56 10.96 -12.20
N ILE B 63 12.91 11.95 -11.40
CA ILE B 63 12.02 13.05 -11.08
C ILE B 63 11.80 13.93 -12.29
N GLN B 64 10.55 14.16 -12.66
CA GLN B 64 10.18 15.27 -13.53
CA GLN B 64 10.17 15.23 -13.56
C GLN B 64 9.00 15.99 -12.87
N PRO B 65 8.86 17.32 -13.13
CA PRO B 65 7.71 18.02 -12.52
C PRO B 65 6.39 17.45 -13.02
N GLY B 66 5.44 17.20 -12.11
CA GLY B 66 4.16 16.62 -12.46
C GLY B 66 4.14 15.09 -12.57
N LYS B 67 5.29 14.44 -12.41
CA LYS B 67 5.40 12.97 -12.55
C LYS B 67 5.09 12.31 -11.22
N GLN B 68 4.52 11.11 -11.24
CA GLN B 68 4.29 10.31 -10.04
C GLN B 68 5.40 9.26 -9.91
N PRO B 69 5.95 9.10 -8.70
CA PRO B 69 6.99 8.08 -8.49
C PRO B 69 6.47 6.65 -8.52
N LEU B 70 7.33 5.71 -8.94
CA LEU B 70 6.99 4.29 -8.96
C LEU B 70 6.64 3.85 -7.52
N SER B 71 5.67 2.92 -7.40
CA SER B 71 5.23 2.39 -6.11
C SER B 71 5.10 0.87 -6.15
N SER B 72 5.34 0.26 -4.99
CA SER B 72 5.17 -1.17 -4.82
C SER B 72 3.72 -1.53 -4.51
N MET B 73 2.89 -0.52 -4.24
CA MET B 73 1.48 -0.72 -3.88
CA MET B 73 1.49 -0.74 -3.89
C MET B 73 0.76 -1.51 -4.99
N CYS B 74 -0.20 -2.34 -4.58
CA CYS B 74 -0.99 -3.10 -5.53
CA CYS B 74 -0.95 -3.16 -5.48
C CYS B 74 -2.31 -3.62 -4.94
N PRO B 75 -3.21 -2.67 -4.61
CA PRO B 75 -4.53 -3.03 -4.15
C PRO B 75 -5.34 -3.79 -5.23
N THR B 76 -5.79 -4.98 -4.88
CA THR B 76 -6.32 -5.93 -5.81
C THR B 76 -7.72 -6.41 -5.41
N ILE B 77 -8.56 -6.68 -6.39
CA ILE B 77 -9.85 -7.32 -6.21
C ILE B 77 -9.95 -8.47 -7.21
N MET B 78 -10.17 -9.66 -6.71
CA MET B 78 -10.37 -10.82 -7.54
C MET B 78 -11.89 -11.08 -7.62
N VAL B 79 -12.39 -11.22 -8.85
CA VAL B 79 -13.80 -11.46 -9.14
C VAL B 79 -13.97 -12.78 -9.91
N GLY B 80 -15.00 -13.56 -9.55
CA GLY B 80 -15.25 -14.86 -10.17
C GLY B 80 -15.98 -14.66 -11.50
N GLN B 81 -16.02 -15.72 -12.30
CA GLN B 81 -16.64 -15.63 -13.63
C GLN B 81 -18.12 -15.25 -13.56
N ASP B 82 -18.77 -15.56 -12.45
CA ASP B 82 -20.17 -15.15 -12.21
C ASP B 82 -20.36 -13.69 -11.74
N GLY B 83 -19.30 -12.89 -11.72
CA GLY B 83 -19.46 -11.49 -11.35
C GLY B 83 -19.43 -11.21 -9.85
N GLN B 84 -19.26 -12.23 -9.04
CA GLN B 84 -19.19 -12.02 -7.61
C GLN B 84 -17.73 -11.96 -7.11
N VAL B 85 -17.46 -11.03 -6.20
CA VAL B 85 -16.13 -10.87 -5.63
C VAL B 85 -15.70 -12.14 -4.94
N ARG B 86 -14.43 -12.49 -5.14
CA ARG B 86 -13.81 -13.65 -4.50
C ARG B 86 -12.79 -13.28 -3.44
N MET B 87 -11.99 -12.24 -3.67
CA MET B 87 -10.99 -11.85 -2.71
C MET B 87 -10.72 -10.36 -2.83
N VAL B 88 -10.56 -9.72 -1.69
CA VAL B 88 -10.12 -8.33 -1.68
C VAL B 88 -8.84 -8.31 -0.84
N VAL B 89 -7.74 -7.84 -1.42
CA VAL B 89 -6.44 -8.00 -0.77
C VAL B 89 -5.41 -6.96 -1.22
N GLY B 90 -4.50 -6.67 -0.31
CA GLY B 90 -3.38 -5.80 -0.58
C GLY B 90 -2.52 -5.73 0.67
N ALA B 91 -1.45 -4.94 0.58
CA ALA B 91 -0.53 -4.89 1.65
C ALA B 91 0.19 -3.57 1.78
N ALA B 92 0.79 -3.44 2.95
CA ALA B 92 1.71 -2.38 3.32
C ALA B 92 3.07 -3.00 3.60
N GLY B 93 4.12 -2.18 3.71
CA GLY B 93 5.47 -2.65 4.04
C GLY B 93 6.55 -2.53 2.96
N GLY B 94 6.52 -1.47 2.19
CA GLY B 94 7.65 -1.13 1.36
C GLY B 94 7.70 -2.00 0.14
N THR B 95 8.93 -2.43 -0.19
CA THR B 95 9.13 -3.24 -1.42
C THR B 95 8.57 -4.65 -1.26
N GLN B 96 8.25 -5.02 -0.03
CA GLN B 96 7.65 -6.31 0.24
C GLN B 96 6.16 -6.34 -0.02
N ILE B 97 5.57 -5.20 -0.34
CA ILE B 97 4.14 -5.17 -0.60
C ILE B 97 3.69 -6.13 -1.68
N THR B 98 4.41 -6.16 -2.80
CA THR B 98 3.99 -6.90 -3.96
C THR B 98 4.15 -8.39 -3.76
N THR B 99 5.29 -8.77 -3.20
CA THR B 99 5.54 -10.16 -2.88
C THR B 99 4.56 -10.66 -1.82
N ALA B 100 4.27 -9.85 -0.82
CA ALA B 100 3.34 -10.27 0.24
C ALA B 100 1.94 -10.43 -0.32
N THR B 101 1.54 -9.52 -1.22
CA THR B 101 0.22 -9.61 -1.84
C THR B 101 0.14 -10.91 -2.69
N ALA B 102 1.21 -11.21 -3.43
CA ALA B 102 1.28 -12.44 -4.18
C ALA B 102 1.16 -13.63 -3.25
N LEU B 103 1.89 -13.62 -2.15
CA LEU B 103 1.84 -14.76 -1.22
C LEU B 103 0.44 -14.95 -0.66
N ALA B 104 -0.18 -13.88 -0.18
CA ALA B 104 -1.57 -14.04 0.31
C ALA B 104 -2.52 -14.67 -0.72
N ILE B 105 -2.40 -14.28 -1.98
CA ILE B 105 -3.20 -14.86 -3.04
C ILE B 105 -2.83 -16.34 -3.25
N ILE B 106 -1.55 -16.63 -3.39
CA ILE B 106 -1.10 -18.02 -3.56
C ILE B 106 -1.62 -18.91 -2.44
N TYR B 107 -1.47 -18.43 -1.20
CA TYR B 107 -1.82 -19.18 -0.03
C TYR B 107 -3.30 -19.56 -0.01
N ASN B 108 -4.17 -18.62 -0.31
CA ASN B 108 -5.60 -18.89 -0.34
C ASN B 108 -6.05 -19.62 -1.61
N LEU B 109 -5.70 -19.07 -2.75
CA LEU B 109 -6.20 -19.55 -4.02
C LEU B 109 -5.69 -20.95 -4.37
N TRP B 110 -4.40 -21.18 -4.20
CA TRP B 110 -3.76 -22.43 -4.60
C TRP B 110 -3.43 -23.38 -3.46
N PHE B 111 -2.98 -22.89 -2.31
CA PHE B 111 -2.63 -23.79 -1.22
C PHE B 111 -3.85 -24.17 -0.38
N GLY B 112 -4.94 -23.42 -0.50
CA GLY B 112 -6.19 -23.76 0.17
C GLY B 112 -6.26 -23.26 1.61
N TYR B 113 -5.38 -22.34 2.00
CA TYR B 113 -5.41 -21.77 3.34
C TYR B 113 -6.59 -20.79 3.49
N ASP B 114 -7.34 -20.91 4.59
CA ASP B 114 -8.39 -19.95 4.84
C ASP B 114 -7.78 -18.56 5.05
N VAL B 115 -8.60 -17.54 4.91
CA VAL B 115 -8.10 -16.19 4.82
C VAL B 115 -7.26 -15.77 6.00
N LYS B 116 -7.65 -16.13 7.21
CA LYS B 116 -6.85 -15.77 8.36
C LYS B 116 -5.48 -16.42 8.27
N ARG B 117 -5.46 -17.71 7.93
CA ARG B 117 -4.18 -18.41 7.76
C ARG B 117 -3.36 -17.80 6.63
N ALA B 118 -4.02 -17.42 5.54
CA ALA B 118 -3.33 -16.79 4.43
C ALA B 118 -2.62 -15.50 4.84
N VAL B 119 -3.21 -14.78 5.79
CA VAL B 119 -2.65 -13.54 6.31
C VAL B 119 -1.56 -13.81 7.34
N GLU B 120 -1.74 -14.84 8.16
CA GLU B 120 -0.81 -15.07 9.28
C GLU B 120 0.36 -15.91 8.86
N GLU B 121 0.23 -16.64 7.75
CA GLU B 121 1.27 -17.54 7.31
C GLU B 121 2.58 -16.78 7.11
N PRO B 122 3.69 -17.35 7.59
CA PRO B 122 5.01 -16.77 7.35
C PRO B 122 5.28 -16.43 5.86
N ARG B 123 6.03 -15.37 5.64
CA ARG B 123 6.33 -14.86 4.32
C ARG B 123 7.85 -14.82 4.11
N LEU B 124 8.24 -14.61 2.87
CA LEU B 124 9.61 -14.42 2.49
C LEU B 124 9.63 -13.45 1.31
N HIS B 125 10.82 -12.98 0.96
CA HIS B 125 10.92 -11.91 -0.02
C HIS B 125 12.26 -11.94 -0.68
N ASN B 126 12.24 -11.74 -2.00
CA ASN B 126 13.45 -11.49 -2.75
C ASN B 126 13.09 -10.51 -3.84
N GLN B 127 13.88 -9.47 -4.04
CA GLN B 127 13.55 -8.48 -5.05
C GLN B 127 14.70 -8.31 -6.04
N LEU B 128 15.54 -9.32 -6.11
CA LEU B 128 16.64 -9.43 -7.07
C LEU B 128 17.82 -8.57 -6.66
N LEU B 129 17.58 -7.27 -6.50
CA LEU B 129 18.59 -6.36 -6.02
C LEU B 129 18.04 -5.62 -4.80
N PRO B 130 18.60 -5.78 -3.61
CA PRO B 130 19.75 -6.63 -3.36
C PRO B 130 19.45 -8.11 -3.49
N ASN B 131 20.52 -8.87 -3.49
CA ASN B 131 20.54 -10.26 -3.89
C ASN B 131 20.56 -11.18 -2.69
N VAL B 132 19.42 -11.23 -2.02
CA VAL B 132 19.27 -11.98 -0.77
C VAL B 132 17.79 -12.32 -0.57
N THR B 133 17.54 -13.50 -0.01
CA THR B 133 16.21 -13.94 0.32
C THR B 133 15.94 -13.75 1.81
N THR B 134 15.01 -12.87 2.13
CA THR B 134 14.62 -12.62 3.50
C THR B 134 13.43 -13.51 3.89
N VAL B 135 13.51 -14.17 5.05
CA VAL B 135 12.44 -15.00 5.53
C VAL B 135 12.04 -14.55 6.89
N GLU B 136 10.76 -14.67 7.22
CA GLU B 136 10.29 -14.34 8.56
C GLU B 136 10.77 -15.34 9.59
N ARG B 137 10.68 -14.94 10.84
CA ARG B 137 11.24 -15.69 11.97
C ARG B 137 10.63 -17.08 12.17
N ASN B 138 9.35 -17.24 11.89
CA ASN B 138 8.68 -18.50 12.17
C ASN B 138 8.42 -19.34 10.91
N ILE B 139 9.14 -19.05 9.85
CA ILE B 139 9.00 -19.84 8.62
C ILE B 139 9.36 -21.31 8.87
N ASP B 140 8.64 -22.22 8.25
CA ASP B 140 9.00 -23.63 8.27
C ASP B 140 10.49 -23.76 7.89
N GLN B 141 11.32 -24.27 8.80
CA GLN B 141 12.74 -24.29 8.52
C GLN B 141 13.15 -25.32 7.50
N ALA B 142 12.24 -26.21 7.12
CA ALA B 142 12.47 -27.06 5.94
C ALA B 142 12.48 -26.20 4.64
N VAL B 143 11.73 -25.11 4.65
CA VAL B 143 11.79 -24.16 3.54
C VAL B 143 13.16 -23.47 3.47
N THR B 144 13.64 -23.02 4.60
CA THR B 144 14.95 -22.40 4.70
C THR B 144 16.03 -23.36 4.17
N ALA B 145 15.96 -24.61 4.59
CA ALA B 145 16.89 -25.64 4.10
C ALA B 145 16.79 -25.89 2.58
N ALA B 146 15.57 -25.99 2.07
CA ALA B 146 15.34 -26.15 0.64
C ALA B 146 15.94 -25.00 -0.19
N LEU B 147 15.86 -23.80 0.36
CA LEU B 147 16.41 -22.61 -0.28
C LEU B 147 17.92 -22.64 -0.21
N GLU B 148 18.46 -22.88 0.97
CA GLU B 148 19.93 -22.83 1.13
C GLU B 148 20.63 -23.91 0.35
N THR B 149 20.03 -25.10 0.25
CA THR B 149 20.67 -26.16 -0.52
C THR B 149 20.57 -25.87 -2.02
N ARG B 150 19.64 -25.01 -2.42
CA ARG B 150 19.60 -24.53 -3.78
C ARG B 150 20.38 -23.21 -3.98
N HIS B 151 21.26 -22.92 -3.03
CA HIS B 151 22.22 -21.81 -3.11
C HIS B 151 21.62 -20.44 -2.86
N HIS B 152 20.43 -20.36 -2.26
CA HIS B 152 19.97 -19.04 -1.79
C HIS B 152 20.67 -18.73 -0.49
N HIS B 153 21.21 -17.52 -0.35
CA HIS B 153 21.65 -17.04 0.98
CA HIS B 153 21.66 -17.05 0.94
C HIS B 153 20.44 -16.41 1.60
N THR B 154 20.01 -16.97 2.72
CA THR B 154 18.87 -16.41 3.39
C THR B 154 19.30 -15.65 4.62
N GLN B 155 18.46 -14.68 4.98
CA GLN B 155 18.52 -14.08 6.27
C GLN B 155 17.13 -13.81 6.81
N ILE B 156 17.10 -13.69 8.12
CA ILE B 156 15.90 -13.62 8.88
C ILE B 156 15.55 -12.16 9.11
N ALA B 157 14.28 -11.82 8.94
CA ALA B 157 13.84 -10.45 9.10
C ALA B 157 13.78 -10.19 10.59
N SER B 158 14.38 -9.09 11.01
CA SER B 158 14.45 -8.74 12.43
C SER B 158 13.07 -8.44 13.01
N THR B 159 12.15 -7.91 12.19
CA THR B 159 10.78 -7.71 12.64
C THR B 159 9.79 -8.63 11.93
N PHE B 160 9.23 -8.16 10.82
CA PHE B 160 8.25 -8.91 10.06
C PHE B 160 8.28 -8.39 8.64
N ILE B 161 7.71 -9.17 7.72
CA ILE B 161 7.60 -8.83 6.29
C ILE B 161 6.12 -8.48 5.97
N ALA B 162 5.87 -7.18 5.79
CA ALA B 162 4.61 -6.62 5.29
C ALA B 162 3.44 -6.75 6.25
N VAL B 163 2.32 -6.16 5.83
CA VAL B 163 1.08 -6.22 6.53
C VAL B 163 -0.02 -6.40 5.51
N VAL B 164 -0.79 -7.48 5.67
CA VAL B 164 -1.88 -7.79 4.75
C VAL B 164 -3.26 -7.75 5.38
N GLN B 165 -4.17 -7.01 4.76
CA GLN B 165 -5.59 -7.06 5.10
C GLN B 165 -6.35 -7.71 3.95
N ALA B 166 -7.24 -8.66 4.26
CA ALA B 166 -7.93 -9.41 3.22
C ALA B 166 -9.34 -9.86 3.55
N ILE B 167 -10.16 -9.97 2.51
CA ILE B 167 -11.50 -10.53 2.61
C ILE B 167 -11.68 -11.54 1.47
N VAL B 168 -12.31 -12.67 1.81
CA VAL B 168 -12.50 -13.78 0.89
C VAL B 168 -13.92 -14.34 1.02
N ARG B 169 -14.56 -14.58 -0.12
CA ARG B 169 -15.89 -15.15 -0.11
C ARG B 169 -15.83 -16.63 0.23
N THR B 170 -16.69 -17.05 1.15
CA THR B 170 -16.87 -18.46 1.49
C THR B 170 -18.35 -18.81 1.43
N ALA B 171 -18.66 -20.09 1.57
CA ALA B 171 -20.07 -20.52 1.64
C ALA B 171 -20.75 -19.86 2.84
N GLY B 172 -20.01 -19.68 3.93
CA GLY B 172 -20.52 -18.92 5.09
C GLY B 172 -20.59 -17.40 5.00
N GLY B 173 -20.24 -16.81 3.85
CA GLY B 173 -20.31 -15.37 3.65
C GLY B 173 -18.93 -14.75 3.37
N TRP B 174 -18.61 -13.66 4.05
CA TRP B 174 -17.38 -12.94 3.79
C TRP B 174 -16.43 -13.14 4.96
N ALA B 175 -15.36 -13.87 4.73
CA ALA B 175 -14.35 -14.09 5.76
C ALA B 175 -13.28 -12.99 5.68
N ALA B 176 -13.04 -12.32 6.81
CA ALA B 176 -12.10 -11.20 6.90
C ALA B 176 -10.93 -11.48 7.84
N ALA B 177 -9.77 -10.91 7.52
CA ALA B 177 -8.58 -11.01 8.37
C ALA B 177 -7.72 -9.76 8.30
N SER B 178 -7.32 -9.27 9.47
CA SER B 178 -6.32 -8.24 9.56
C SER B 178 -5.08 -8.88 10.18
N ASP B 179 -3.93 -8.35 9.83
CA ASP B 179 -2.62 -8.92 10.14
C ASP B 179 -2.19 -8.62 11.58
N SER B 180 -1.91 -9.68 12.34
CA SER B 180 -1.49 -9.55 13.72
C SER B 180 -0.12 -8.91 13.82
N ARG B 181 0.63 -8.88 12.72
CA ARG B 181 1.93 -8.20 12.78
C ARG B 181 1.79 -6.71 13.14
N LYS B 182 0.67 -6.08 12.77
CA LYS B 182 0.40 -4.68 13.09
C LYS B 182 -0.72 -4.52 14.16
N GLY B 183 -1.62 -5.50 14.31
CA GLY B 183 -2.57 -5.53 15.43
C GLY B 183 -3.99 -5.16 15.06
N GLY B 184 -4.27 -5.04 13.77
CA GLY B 184 -5.62 -4.72 13.35
C GLY B 184 -6.60 -5.85 13.62
N GLU B 185 -7.87 -5.53 13.48
CA GLU B 185 -8.90 -6.52 13.58
C GLU B 185 -10.01 -6.01 12.67
N PRO B 186 -10.66 -6.92 11.95
CA PRO B 186 -11.81 -6.57 11.14
C PRO B 186 -13.10 -6.38 11.91
N ALA B 187 -14.10 -5.91 11.19
CA ALA B 187 -15.46 -5.82 11.68
C ALA B 187 -16.43 -6.01 10.51
N GLY B 188 -17.66 -6.39 10.83
CA GLY B 188 -18.69 -6.63 9.85
C GLY B 188 -20.04 -6.91 10.49
N TYR B 189 -20.98 -7.34 9.66
CA TYR B 189 -22.29 -7.82 10.11
C TYR B 189 -22.88 -8.77 9.09
C1 NAG C . -22.77 0.83 -9.67
C2 NAG C . -23.20 1.58 -8.44
C3 NAG C . -24.72 1.76 -8.44
C4 NAG C . -25.15 2.44 -9.75
C5 NAG C . -24.53 1.74 -10.97
C6 NAG C . -24.80 2.51 -12.27
C7 NAG C . -21.92 1.55 -6.36
C8 NAG C . -21.56 0.77 -5.13
N2 NAG C . -22.75 0.94 -7.21
O3 NAG C . -25.06 2.53 -7.32
O4 NAG C . -26.56 2.46 -9.87
O5 NAG C . -23.13 1.60 -10.80
O6 NAG C . -23.59 2.81 -12.94
O7 NAG C . -21.47 2.69 -6.53
C1 NAG D . 22.33 18.89 -5.64
C2 NAG D . 21.61 20.10 -5.05
C3 NAG D . 20.94 20.90 -6.19
C4 NAG D . 21.90 21.18 -7.35
C5 NAG D . 22.62 19.88 -7.78
C6 NAG D . 23.68 20.09 -8.86
C7 NAG D . 20.74 19.64 -2.76
C8 NAG D . 19.49 19.30 -2.00
N2 NAG D . 20.58 19.74 -4.09
O3 NAG D . 20.35 22.11 -5.70
O4 NAG D . 21.15 21.74 -8.41
O5 NAG D . 23.24 19.24 -6.66
O6 NAG D . 24.76 20.83 -8.34
O7 NAG D . 21.82 19.79 -2.18
C1 NAG E . 8.79 -8.36 -24.86
C2 NAG E . 10.05 -7.56 -25.15
C3 NAG E . 10.74 -8.06 -26.41
C4 NAG E . 10.94 -9.56 -26.40
C5 NAG E . 9.64 -10.33 -26.06
C6 NAG E . 9.92 -11.80 -25.77
C7 NAG E . 10.04 -5.20 -24.48
C8 NAG E . 9.58 -3.82 -24.84
N2 NAG E . 9.69 -6.16 -25.33
O3 NAG E . 12.01 -7.45 -26.47
O4 NAG E . 11.37 -9.90 -27.68
O5 NAG E . 9.01 -9.78 -24.92
O6 NAG E . 8.69 -12.49 -25.57
O7 NAG E . 10.69 -5.39 -23.45
C1 NAG F . -8.62 -7.28 -19.23
C2 NAG F . -10.11 -7.08 -19.51
C3 NAG F . -10.39 -7.08 -21.03
C4 NAG F . -9.21 -6.63 -21.94
C5 NAG F . -7.83 -6.42 -21.29
C6 NAG F . -7.03 -5.28 -21.96
C7 NAG F . -11.96 -7.82 -18.02
C8 NAG F . -12.67 -9.01 -17.42
N2 NAG F . -10.92 -8.11 -18.83
O3 NAG F . -11.55 -6.30 -21.29
O4 NAG F . -9.05 -7.60 -22.95
O5 NAG F . -7.90 -6.25 -19.88
O6 NAG F . -7.44 -4.01 -21.49
O7 NAG F . -12.32 -6.68 -17.73
C1 NAG G . -8.05 29.27 -5.83
C2 NAG G . -6.83 30.11 -5.42
C3 NAG G . -6.89 31.36 -6.29
C4 NAG G . -6.67 30.93 -7.74
C5 NAG G . -7.75 29.96 -8.23
C6 NAG G . -7.24 29.00 -9.32
C7 NAG G . -6.14 29.73 -3.04
C8 NAG G . -6.30 30.17 -1.61
N2 NAG G . -6.85 30.39 -3.98
O3 NAG G . -5.90 32.27 -5.88
O4 NAG G . -6.73 32.08 -8.54
O5 NAG G . -8.40 29.17 -7.21
O6 NAG G . -8.03 27.83 -9.34
O7 NAG G . -5.38 28.76 -3.27
CL CL H . -2.88 17.17 15.78
CL CL I . -1.91 -1.94 6.87
NA NA J . -9.88 -13.12 11.11
C1 NAG K . 23.49 -13.65 -5.78
C2 NAG K . 25.01 -13.69 -5.97
C3 NAG K . 25.37 -14.90 -6.81
C4 NAG K . 24.79 -16.16 -6.20
C5 NAG K . 23.35 -15.96 -5.72
C6 NAG K . 23.09 -17.15 -4.84
C7 NAG K . 25.32 -12.06 -7.82
C8 NAG K . 26.06 -10.84 -8.29
N2 NAG K . 25.60 -12.50 -6.58
O3 NAG K . 26.76 -15.03 -6.98
O4 NAG K . 24.77 -17.18 -7.20
O5 NAG K . 23.12 -14.76 -5.01
O6 NAG K . 23.77 -18.26 -5.41
O7 NAG K . 24.49 -12.58 -8.57
N GLU L . 6.14 4.62 -0.65
CA GLU L . 6.35 3.18 -1.01
C GLU L . 5.49 2.84 -2.22
O GLU L . 4.53 3.57 -2.56
CB GLU L . 6.00 2.28 0.18
CG GLU L . 6.78 2.62 1.44
CD GLU L . 6.49 1.70 2.63
OE1 GLU L . 5.49 0.94 2.61
OE2 GLU L . 7.32 1.75 3.58
OXT GLU L . 5.76 1.81 -2.83
#